data_1N8C
#
_entry.id   1N8C
#
loop_
_entity.id
_entity.type
_entity.pdbx_description
1 polymer "5'-D(*CP*GP*GP*TP*CP*AP*CP*GP*AP*GP*G)-3'"
2 polymer "5'-D(*CP*CP*TP*CP*GP*TP*GP*AP*CP*CP*G)-3'"
3 non-polymer (9S,10R)-9-HYDROXY-7,8,9,10-TETRAHYDROBENZO[A]PYRENE
#
loop_
_entity_poly.entity_id
_entity_poly.type
_entity_poly.pdbx_seq_one_letter_code
_entity_poly.pdbx_strand_id
1 'polydeoxyribonucleotide' (DC)(DG)(DG)(DT)(DC)(DA)(DC)(DG)(DA)(DG)(DG) A
2 'polydeoxyribonucleotide' (DC)(DC)(DT)(DC)(DG)(DT)(DG)(DA)(DC)(DC)(DG) B
#